data_4AYR
#
_entry.id   4AYR
#
_cell.length_a   143.919
_cell.length_b   143.919
_cell.length_c   50.186
_cell.angle_alpha   90.00
_cell.angle_beta   90.00
_cell.angle_gamma   120.00
#
_symmetry.space_group_name_H-M   'H 3'
#
loop_
_entity.id
_entity.type
_entity.pdbx_description
1 polymer 'MANNOSYL-OLIGOSACCHARIDE 1,2-ALPHA-MANNOSIDASE'
2 non-polymer 'CALCIUM ION'
3 non-polymer 'SODIUM ION'
4 non-polymer (3S,4R,5R)-3,4-DIHYDROXY-5-(HYDROXYMETHYL)PIPERIDIN-2-ONE
5 non-polymer 2-{2-[2-(2-{2-[2-(2-ETHOXY-ETHOXY)-ETHOXY]-ETHOXY}-ETHOXY)-ETHOXY]-ETHOXY}-ETHANOL
6 water water
#
_entity_poly.entity_id   1
_entity_poly.type   'polypeptide(L)'
_entity_poly.pdbx_seq_one_letter_code
;MASETTPEDWKALAADVRSEFQWAWQGYVAKAWGKDEINPVSGTSRSFFIEGHDLGLSLVEALDTLWIMGLDAEFQAGVD
WVKANLSFDVDGNAQVFETNIRLVGGLLSAHLASGDPVLLAKARDLADRLAKAFEASPHGLPWRYVNLRTGAVSDPETNL
AEIGTYLSEFGVLSQLTGERKYFDMAKRAMRHTLDRRSKIGLMAANIHAMTGAFTSRNASIDVYADSFYEYLWDAWALFG
DEDCKRWAVECVDAQLAHQAKRYDGRLWFPMVDFETGAVTGTAQSELAAYYAGLLGQVGRKAQGDDYLASFTYLQATFGV
IPESIDVTTGQPRRKHTGLRPEYPDACLNLWLIDRDPRYRRLAAIHYREMKATSRAAFGYTALKDITTRPMTQDDNCPGY
WWSEQMKYYYLLFSDTPRIDYGQLQLSTEANVLRGFRKVLEHHHHHH
;
_entity_poly.pdbx_strand_id   A
#
# COMPACT_ATOMS: atom_id res chain seq x y z
N GLU A 8 15.54 -17.50 17.75
CA GLU A 8 15.90 -16.82 16.49
C GLU A 8 16.78 -15.59 16.74
N ASP A 9 17.88 -15.49 16.01
CA ASP A 9 18.74 -14.31 16.02
C ASP A 9 18.14 -13.32 15.04
N TRP A 10 17.34 -12.39 15.55
CA TRP A 10 16.65 -11.45 14.67
C TRP A 10 17.61 -10.55 13.92
N LYS A 11 18.73 -10.19 14.54
CA LYS A 11 19.68 -9.31 13.90
C LYS A 11 20.33 -10.00 12.71
N ALA A 12 20.61 -11.29 12.83
CA ALA A 12 21.11 -12.05 11.70
C ALA A 12 20.08 -12.13 10.57
N LEU A 13 18.82 -12.31 10.92
CA LEU A 13 17.76 -12.36 9.92
C LEU A 13 17.63 -11.01 9.21
N ALA A 14 17.71 -9.93 9.96
CA ALA A 14 17.71 -8.59 9.35
C ALA A 14 18.85 -8.43 8.37
N ALA A 15 20.04 -8.91 8.74
CA ALA A 15 21.20 -8.81 7.86
C ALA A 15 20.95 -9.59 6.57
N ASP A 16 20.29 -10.75 6.67
CA ASP A 16 19.94 -11.53 5.48
C ASP A 16 18.95 -10.78 4.58
N VAL A 17 17.93 -10.15 5.16
CA VAL A 17 16.98 -9.35 4.41
C VAL A 17 17.73 -8.25 3.65
N ARG A 18 18.63 -7.54 4.34
CA ARG A 18 19.40 -6.48 3.71
C ARG A 18 20.26 -7.01 2.56
N SER A 19 20.93 -8.13 2.77
CA SER A 19 21.76 -8.76 1.75
CA SER A 19 21.77 -8.66 1.71
C SER A 19 20.94 -9.11 0.51
N GLU A 20 19.78 -9.69 0.74
CA GLU A 20 18.89 -10.06 -0.37
C GLU A 20 18.36 -8.82 -1.10
N PHE A 21 18.05 -7.77 -0.34
CA PHE A 21 17.57 -6.55 -0.97
C PHE A 21 18.67 -5.91 -1.84
N GLN A 22 19.89 -5.87 -1.32
CA GLN A 22 21.01 -5.34 -2.08
C GLN A 22 21.25 -6.17 -3.34
N TRP A 23 21.17 -7.49 -3.24
CA TRP A 23 21.31 -8.38 -4.39
C TRP A 23 20.22 -8.08 -5.42
N ALA A 24 18.98 -7.95 -4.98
CA ALA A 24 17.89 -7.61 -5.90
C ALA A 24 18.14 -6.25 -6.58
N TRP A 25 18.57 -5.26 -5.80
CA TRP A 25 18.92 -3.94 -6.34
C TRP A 25 19.96 -4.06 -7.43
N GLN A 26 20.98 -4.88 -7.21
CA GLN A 26 21.99 -5.09 -8.24
C GLN A 26 21.40 -5.65 -9.54
N GLY A 27 20.43 -6.54 -9.41
CA GLY A 27 19.71 -7.04 -10.59
C GLY A 27 18.95 -5.97 -11.30
N TYR A 28 18.28 -5.09 -10.54
CA TYR A 28 17.57 -3.94 -11.12
C TYR A 28 18.55 -3.03 -11.88
N VAL A 29 19.66 -2.71 -11.26
CA VAL A 29 20.66 -1.87 -11.92
C VAL A 29 21.18 -2.53 -13.20
N ALA A 30 21.40 -3.83 -13.17
CA ALA A 30 21.96 -4.53 -14.32
C ALA A 30 20.97 -4.65 -15.48
N LYS A 31 19.68 -4.82 -15.19
CA LYS A 31 18.71 -5.21 -16.22
C LYS A 31 17.62 -4.17 -16.50
N ALA A 32 17.37 -3.26 -15.57
CA ALA A 32 16.16 -2.41 -15.64
C ALA A 32 16.44 -0.99 -15.15
N TRP A 33 17.67 -0.49 -15.30
CA TRP A 33 18.03 0.80 -14.71
C TRP A 33 17.19 1.91 -15.28
N GLY A 34 16.50 2.66 -14.42
CA GLY A 34 15.63 3.75 -14.85
C GLY A 34 14.27 3.32 -15.36
N LYS A 35 14.03 2.02 -15.39
CA LYS A 35 12.77 1.48 -15.90
C LYS A 35 11.81 1.22 -14.76
N ASP A 36 10.56 1.01 -15.09
CA ASP A 36 9.58 0.91 -14.01
C ASP A 36 9.67 -0.36 -13.20
N GLU A 37 9.74 -1.52 -13.84
CA GLU A 37 9.81 -2.80 -13.13
C GLU A 37 10.78 -3.72 -13.82
N ILE A 38 11.46 -4.54 -13.01
CA ILE A 38 12.22 -5.66 -13.53
C ILE A 38 11.34 -6.90 -13.61
N ASN A 39 11.57 -7.67 -14.68
CA ASN A 39 11.06 -9.02 -14.88
C ASN A 39 12.26 -9.93 -14.62
N PRO A 40 12.38 -10.47 -13.40
CA PRO A 40 13.66 -11.02 -12.95
C PRO A 40 13.95 -12.45 -13.38
N VAL A 41 13.01 -13.09 -14.07
CA VAL A 41 13.24 -14.42 -14.64
C VAL A 41 13.91 -14.25 -16.01
N SER A 42 13.32 -13.42 -16.86
CA SER A 42 13.91 -13.11 -18.16
C SER A 42 15.06 -12.13 -18.07
N GLY A 43 15.13 -11.34 -16.98
CA GLY A 43 16.14 -10.28 -16.89
C GLY A 43 15.87 -9.13 -17.85
N THR A 44 14.62 -8.69 -17.90
CA THR A 44 14.19 -7.59 -18.74
C THR A 44 13.39 -6.60 -17.92
N SER A 45 12.92 -5.53 -18.55
CA SER A 45 12.12 -4.51 -17.86
C SER A 45 10.75 -4.39 -18.48
N ARG A 46 9.83 -3.76 -17.74
CA ARG A 46 8.56 -3.35 -18.29
C ARG A 46 8.17 -1.98 -17.72
N SER A 47 7.30 -1.31 -18.47
CA SER A 47 6.70 -0.07 -18.04
C SER A 47 5.49 -0.35 -17.13
N PHE A 48 5.17 0.61 -16.27
CA PHE A 48 4.02 0.53 -15.38
C PHE A 48 2.96 1.59 -15.69
N PHE A 49 3.32 2.87 -15.68
CA PHE A 49 2.31 3.92 -15.82
C PHE A 49 1.92 4.17 -17.27
N ILE A 50 2.94 4.35 -18.12
CA ILE A 50 2.78 4.76 -19.51
C ILE A 50 3.69 3.87 -20.36
N GLU A 51 3.12 3.07 -21.25
CA GLU A 51 3.93 2.15 -22.05
C GLU A 51 4.99 2.90 -22.84
N GLY A 52 6.25 2.50 -22.68
CA GLY A 52 7.35 3.11 -23.39
C GLY A 52 7.82 4.43 -22.82
N HIS A 53 7.23 4.89 -21.72
CA HIS A 53 7.70 6.10 -21.05
C HIS A 53 7.80 5.83 -19.57
N ASP A 54 8.82 5.08 -19.22
CA ASP A 54 9.06 4.68 -17.84
C ASP A 54 9.41 5.91 -17.01
N LEU A 55 9.14 5.79 -15.72
CA LEU A 55 9.35 6.86 -14.73
C LEU A 55 10.18 6.32 -13.55
N GLY A 56 11.03 5.33 -13.78
CA GLY A 56 11.88 4.81 -12.73
C GLY A 56 11.12 4.31 -11.51
N LEU A 57 9.95 3.72 -11.72
CA LEU A 57 9.07 3.37 -10.61
C LEU A 57 9.80 2.61 -9.51
N SER A 58 10.40 1.46 -9.82
CA SER A 58 10.91 0.61 -8.75
C SER A 58 12.08 1.28 -8.04
N LEU A 59 12.87 2.05 -8.79
CA LEU A 59 13.95 2.83 -8.20
C LEU A 59 13.38 3.79 -7.16
N VAL A 60 12.34 4.54 -7.53
CA VAL A 60 11.71 5.49 -6.59
C VAL A 60 11.14 4.76 -5.40
N GLU A 61 10.45 3.64 -5.64
CA GLU A 61 9.83 2.89 -4.55
C GLU A 61 10.88 2.37 -3.55
N ALA A 62 12.07 2.01 -4.04
CA ALA A 62 13.13 1.44 -3.23
C ALA A 62 13.83 2.43 -2.32
N LEU A 63 13.74 3.74 -2.62
CA LEU A 63 14.68 4.67 -2.00
C LEU A 63 14.63 4.66 -0.49
N ASP A 64 13.45 4.83 0.11
CA ASP A 64 13.44 4.88 1.58
C ASP A 64 13.89 3.56 2.20
N THR A 65 13.56 2.43 1.57
CA THR A 65 14.02 1.14 2.04
C THR A 65 15.54 1.07 2.08
N LEU A 66 16.18 1.50 0.98
CA LEU A 66 17.63 1.53 0.90
C LEU A 66 18.23 2.36 2.04
N TRP A 67 17.68 3.54 2.27
CA TRP A 67 18.19 4.41 3.34
C TRP A 67 18.05 3.74 4.69
N ILE A 68 16.87 3.18 4.98
CA ILE A 68 16.63 2.56 6.29
C ILE A 68 17.62 1.43 6.54
N MET A 69 17.95 0.67 5.50
CA MET A 69 18.89 -0.43 5.60
C MET A 69 20.35 -0.01 5.64
N GLY A 70 20.64 1.29 5.51
CA GLY A 70 22.01 1.72 5.46
C GLY A 70 22.72 1.34 4.17
N LEU A 71 21.97 1.12 3.09
CA LEU A 71 22.53 0.88 1.76
C LEU A 71 22.71 2.26 1.12
N ASP A 72 23.68 3.00 1.64
CA ASP A 72 23.76 4.43 1.37
C ASP A 72 24.26 4.74 -0.03
N ALA A 73 25.25 4.00 -0.53
CA ALA A 73 25.72 4.23 -1.88
C ALA A 73 24.59 3.96 -2.88
N GLU A 74 23.82 2.91 -2.64
CA GLU A 74 22.70 2.56 -3.49
C GLU A 74 21.61 3.64 -3.45
N PHE A 75 21.26 4.07 -2.24
CA PHE A 75 20.32 5.17 -2.05
C PHE A 75 20.75 6.38 -2.86
N GLN A 76 22.01 6.79 -2.71
CA GLN A 76 22.47 7.99 -3.37
C GLN A 76 22.48 7.82 -4.89
N ALA A 77 22.80 6.63 -5.39
CA ALA A 77 22.75 6.40 -6.82
C ALA A 77 21.31 6.59 -7.32
N GLY A 78 20.33 6.09 -6.57
CA GLY A 78 18.95 6.27 -6.97
C GLY A 78 18.51 7.73 -6.90
N VAL A 79 18.85 8.42 -5.80
CA VAL A 79 18.50 9.82 -5.67
C VAL A 79 19.13 10.63 -6.81
N ASP A 80 20.39 10.34 -7.13
CA ASP A 80 21.07 11.08 -8.19
C ASP A 80 20.44 10.82 -9.54
N TRP A 81 19.96 9.59 -9.79
CA TRP A 81 19.22 9.31 -11.01
C TRP A 81 17.97 10.15 -11.06
N VAL A 82 17.22 10.21 -9.96
CA VAL A 82 15.97 10.99 -9.94
C VAL A 82 16.27 12.45 -10.27
N LYS A 83 17.27 13.01 -9.59
CA LYS A 83 17.58 14.42 -9.75
C LYS A 83 17.98 14.76 -11.18
N ALA A 84 18.70 13.86 -11.85
CA ALA A 84 19.15 14.12 -13.20
C ALA A 84 18.07 13.86 -14.26
N ASN A 85 17.18 12.89 -14.01
CA ASN A 85 16.38 12.27 -15.07
C ASN A 85 14.88 12.33 -14.93
N LEU A 86 14.34 12.42 -13.72
CA LEU A 86 12.92 12.18 -13.54
C LEU A 86 12.12 13.45 -13.77
N SER A 87 11.25 13.43 -14.76
CA SER A 87 10.39 14.55 -15.18
CA SER A 87 10.32 14.52 -14.87
C SER A 87 8.97 14.02 -15.35
N PHE A 88 7.99 14.84 -15.05
CA PHE A 88 6.59 14.48 -15.20
C PHE A 88 5.87 15.29 -16.26
N ASP A 89 6.62 16.07 -17.03
CA ASP A 89 6.06 16.81 -18.15
C ASP A 89 5.95 15.84 -19.34
N VAL A 90 4.95 14.98 -19.27
CA VAL A 90 4.80 13.87 -20.19
C VAL A 90 3.38 13.85 -20.76
N ASP A 91 3.26 13.82 -22.08
CA ASP A 91 1.97 13.75 -22.76
C ASP A 91 1.49 12.30 -22.76
N GLY A 92 0.99 11.87 -21.60
CA GLY A 92 0.49 10.52 -21.42
C GLY A 92 -0.38 10.47 -20.17
N ASN A 93 -1.23 9.45 -20.12
CA ASN A 93 -2.22 9.29 -19.05
C ASN A 93 -1.65 8.45 -17.93
N ALA A 94 -1.74 8.98 -16.72
CA ALA A 94 -1.29 8.28 -15.53
C ALA A 94 -2.47 8.06 -14.60
N GLN A 95 -2.49 6.87 -13.98
CA GLN A 95 -3.51 6.53 -13.01
C GLN A 95 -3.22 7.30 -11.73
N VAL A 96 -4.14 8.18 -11.35
CA VAL A 96 -3.94 9.15 -10.26
C VAL A 96 -3.59 8.47 -8.95
N PHE A 97 -4.34 7.42 -8.60
CA PHE A 97 -4.12 6.71 -7.35
C PHE A 97 -2.73 6.11 -7.29
N GLU A 98 -2.35 5.36 -8.32
CA GLU A 98 -1.06 4.67 -8.31
C GLU A 98 0.09 5.68 -8.32
N THR A 99 -0.08 6.74 -9.08
CA THR A 99 0.94 7.76 -9.18
C THR A 99 1.18 8.43 -7.82
N ASN A 100 0.11 8.73 -7.10
CA ASN A 100 0.26 9.32 -5.77
C ASN A 100 0.95 8.34 -4.80
N ILE A 101 0.41 7.14 -4.66
CA ILE A 101 0.92 6.30 -3.56
C ILE A 101 2.33 5.83 -3.85
N ARG A 102 2.69 5.66 -5.12
CA ARG A 102 4.00 5.15 -5.48
C ARG A 102 5.04 6.24 -5.68
N LEU A 103 4.73 7.24 -6.50
CA LEU A 103 5.72 8.24 -6.88
C LEU A 103 5.69 9.46 -5.97
N VAL A 104 4.53 10.06 -5.71
CA VAL A 104 4.52 11.19 -4.77
C VAL A 104 5.02 10.68 -3.41
N GLY A 105 4.48 9.56 -2.95
CA GLY A 105 4.89 9.04 -1.65
C GLY A 105 6.34 8.59 -1.61
N GLY A 106 6.82 8.00 -2.69
CA GLY A 106 8.20 7.53 -2.73
C GLY A 106 9.21 8.65 -2.73
N LEU A 107 8.87 9.73 -3.44
CA LEU A 107 9.70 10.93 -3.42
C LEU A 107 9.66 11.62 -2.07
N LEU A 108 8.50 11.67 -1.43
CA LEU A 108 8.39 12.26 -0.10
C LEU A 108 9.22 11.52 0.93
N SER A 109 9.15 10.19 0.97
CA SER A 109 9.93 9.46 1.96
C SER A 109 11.43 9.65 1.69
N ALA A 110 11.84 9.64 0.42
CA ALA A 110 13.24 9.88 0.10
C ALA A 110 13.67 11.29 0.49
N HIS A 111 12.79 12.27 0.31
CA HIS A 111 13.04 13.63 0.76
C HIS A 111 13.21 13.72 2.26
N LEU A 112 12.32 13.07 3.01
CA LEU A 112 12.39 13.13 4.47
C LEU A 112 13.64 12.44 4.99
N ALA A 113 14.11 11.40 4.33
CA ALA A 113 15.32 10.70 4.75
C ALA A 113 16.57 11.55 4.51
N SER A 114 16.62 12.20 3.36
CA SER A 114 17.82 12.85 2.87
C SER A 114 17.87 14.34 3.12
N GLY A 115 16.71 14.97 3.27
CA GLY A 115 16.61 16.41 3.26
C GLY A 115 16.79 17.08 1.90
N ASP A 116 16.88 16.34 0.82
CA ASP A 116 17.23 16.96 -0.47
C ASP A 116 16.03 17.71 -1.03
N PRO A 117 16.13 19.05 -1.21
CA PRO A 117 14.98 19.82 -1.68
C PRO A 117 14.45 19.39 -3.05
N VAL A 118 15.31 18.86 -3.90
CA VAL A 118 14.88 18.51 -5.26
C VAL A 118 13.81 17.43 -5.21
N LEU A 119 13.94 16.52 -4.25
CA LEU A 119 12.96 15.44 -4.15
C LEU A 119 11.58 15.98 -3.75
N LEU A 120 11.55 16.99 -2.87
CA LEU A 120 10.31 17.67 -2.55
C LEU A 120 9.75 18.45 -3.73
N ALA A 121 10.61 19.16 -4.46
CA ALA A 121 10.18 19.88 -5.64
C ALA A 121 9.49 18.92 -6.62
N LYS A 122 10.08 17.76 -6.85
CA LYS A 122 9.51 16.81 -7.79
C LYS A 122 8.21 16.20 -7.28
N ALA A 123 8.13 15.89 -5.98
CA ALA A 123 6.88 15.39 -5.41
C ALA A 123 5.76 16.42 -5.59
N ARG A 124 6.07 17.68 -5.34
CA ARG A 124 5.09 18.74 -5.42
C ARG A 124 4.66 18.99 -6.88
N ASP A 125 5.62 18.98 -7.80
CA ASP A 125 5.30 19.11 -9.22
C ASP A 125 4.31 18.03 -9.62
N LEU A 126 4.56 16.79 -9.20
CA LEU A 126 3.68 15.69 -9.56
C LEU A 126 2.31 15.86 -8.92
N ALA A 127 2.25 16.24 -7.65
CA ALA A 127 0.97 16.46 -7.00
C ALA A 127 0.16 17.54 -7.68
N ASP A 128 0.82 18.59 -8.19
CA ASP A 128 0.12 19.64 -8.91
C ASP A 128 -0.49 19.11 -10.22
N ARG A 129 0.18 18.17 -10.86
CA ARG A 129 -0.38 17.55 -12.05
C ARG A 129 -1.57 16.67 -11.70
N LEU A 130 -1.48 15.95 -10.58
CA LEU A 130 -2.60 15.13 -10.12
C LEU A 130 -3.79 15.96 -9.67
N ALA A 131 -3.53 17.15 -9.14
CA ALA A 131 -4.59 18.01 -8.64
C ALA A 131 -5.63 18.31 -9.73
N LYS A 132 -5.22 18.33 -10.99
CA LYS A 132 -6.13 18.57 -12.10
CA LYS A 132 -6.14 18.58 -12.07
C LYS A 132 -7.26 17.55 -12.14
N ALA A 133 -6.99 16.32 -11.68
CA ALA A 133 -8.01 15.28 -11.67
C ALA A 133 -9.11 15.55 -10.65
N PHE A 134 -8.76 16.19 -9.55
CA PHE A 134 -9.70 16.59 -8.52
C PHE A 134 -10.50 17.82 -8.97
N GLU A 135 -9.82 18.75 -9.63
CA GLU A 135 -10.42 19.99 -10.09
C GLU A 135 -11.46 19.76 -11.18
N ALA A 136 -11.35 18.65 -11.89
CA ALA A 136 -12.27 18.30 -12.97
C ALA A 136 -13.62 17.75 -12.47
N SER A 137 -13.77 17.62 -11.15
CA SER A 137 -15.03 17.19 -10.55
C SER A 137 -15.65 18.29 -9.73
N PRO A 138 -16.95 18.56 -9.88
CA PRO A 138 -17.59 19.57 -9.04
C PRO A 138 -17.63 19.18 -7.55
N HIS A 139 -17.39 17.91 -7.25
CA HIS A 139 -17.36 17.38 -5.89
C HIS A 139 -15.97 17.29 -5.35
N GLY A 140 -14.96 17.55 -6.16
CA GLY A 140 -13.59 17.32 -5.76
C GLY A 140 -13.18 15.86 -5.70
N LEU A 141 -13.94 14.98 -6.34
CA LEU A 141 -13.61 13.56 -6.41
C LEU A 141 -12.71 13.35 -7.61
N PRO A 142 -11.50 12.79 -7.44
CA PRO A 142 -10.62 12.72 -8.60
C PRO A 142 -11.07 11.72 -9.64
N TRP A 143 -10.97 12.10 -10.90
CA TRP A 143 -11.03 11.17 -12.02
C TRP A 143 -9.87 10.19 -11.89
N ARG A 144 -10.01 9.02 -12.50
CA ARG A 144 -9.01 7.95 -12.32
C ARG A 144 -7.71 8.20 -13.04
N TYR A 145 -7.76 8.84 -14.20
CA TYR A 145 -6.59 9.09 -15.03
C TYR A 145 -6.49 10.54 -15.36
N VAL A 146 -5.25 11.03 -15.44
CA VAL A 146 -4.97 12.38 -15.87
C VAL A 146 -3.76 12.39 -16.79
N ASN A 147 -3.81 13.23 -17.81
CA ASN A 147 -2.64 13.45 -18.66
C ASN A 147 -1.68 14.36 -17.90
N LEU A 148 -0.46 13.88 -17.67
CA LEU A 148 0.48 14.60 -16.83
C LEU A 148 0.86 15.97 -17.38
N ARG A 149 0.87 16.11 -18.71
CA ARG A 149 1.18 17.38 -19.33
C ARG A 149 -0.04 18.27 -19.48
N THR A 150 -1.16 17.72 -19.97
CA THR A 150 -2.27 18.57 -20.41
C THR A 150 -3.38 18.75 -19.38
N GLY A 151 -3.43 17.86 -18.38
CA GLY A 151 -4.50 17.92 -17.42
C GLY A 151 -5.80 17.25 -17.86
N ALA A 152 -5.86 16.69 -19.08
CA ALA A 152 -7.08 16.03 -19.52
C ALA A 152 -7.35 14.80 -18.65
N VAL A 153 -8.63 14.58 -18.33
CA VAL A 153 -9.01 13.48 -17.46
C VAL A 153 -9.76 12.39 -18.22
N SER A 154 -9.74 11.19 -17.66
CA SER A 154 -10.57 10.11 -18.16
CA SER A 154 -10.51 10.07 -18.19
C SER A 154 -10.93 9.15 -17.05
N ASP A 155 -12.11 8.56 -17.22
CA ASP A 155 -12.73 7.54 -16.35
C ASP A 155 -13.11 8.07 -14.95
N PRO A 156 -14.36 8.54 -14.81
CA PRO A 156 -14.85 9.01 -13.52
C PRO A 156 -15.52 7.90 -12.70
N GLU A 157 -15.55 6.67 -13.19
CA GLU A 157 -16.20 5.58 -12.46
C GLU A 157 -15.16 4.95 -11.56
N THR A 158 -15.06 5.53 -10.38
CA THR A 158 -13.96 5.27 -9.47
C THR A 158 -14.44 4.56 -8.20
N ASN A 159 -13.64 4.64 -7.14
CA ASN A 159 -13.90 3.83 -5.96
C ASN A 159 -13.26 4.50 -4.76
N LEU A 160 -13.60 4.02 -3.58
CA LEU A 160 -13.13 4.67 -2.36
C LEU A 160 -11.62 4.72 -2.27
N ALA A 161 -10.94 3.63 -2.63
CA ALA A 161 -9.48 3.66 -2.57
C ALA A 161 -8.91 4.75 -3.50
N GLU A 162 -9.47 4.83 -4.71
CA GLU A 162 -8.94 5.76 -5.71
C GLU A 162 -9.42 7.20 -5.53
N ILE A 163 -10.38 7.45 -4.63
CA ILE A 163 -10.69 8.84 -4.26
C ILE A 163 -10.14 9.22 -2.89
N GLY A 164 -9.65 8.25 -2.12
CA GLY A 164 -9.40 8.44 -0.70
C GLY A 164 -8.07 7.93 -0.18
N THR A 165 -7.06 7.85 -1.06
CA THR A 165 -5.73 7.44 -0.67
C THR A 165 -4.71 8.49 -1.10
N TYR A 166 -4.95 9.72 -0.61
CA TYR A 166 -4.14 10.88 -0.91
C TYR A 166 -3.77 11.69 0.32
N LEU A 167 -4.55 11.62 1.40
CA LEU A 167 -4.43 12.57 2.48
C LEU A 167 -3.07 12.49 3.18
N SER A 168 -2.46 11.32 3.26
CA SER A 168 -1.16 11.24 3.93
C SER A 168 -0.10 11.98 3.14
N GLU A 169 0.02 11.67 1.85
CA GLU A 169 1.04 12.31 1.01
C GLU A 169 0.74 13.79 0.83
N PHE A 170 -0.52 14.10 0.53
CA PHE A 170 -0.92 15.50 0.30
C PHE A 170 -0.81 16.31 1.60
N GLY A 171 -1.16 15.70 2.72
CA GLY A 171 -1.04 16.38 4.00
C GLY A 171 0.41 16.66 4.39
N VAL A 172 1.29 15.71 4.13
CA VAL A 172 2.70 15.95 4.32
C VAL A 172 3.21 17.06 3.40
N LEU A 173 2.76 17.06 2.14
CA LEU A 173 3.08 18.19 1.25
CA LEU A 173 3.09 18.18 1.25
C LEU A 173 2.62 19.49 1.86
N SER A 174 1.41 19.55 2.38
CA SER A 174 0.95 20.79 3.00
C SER A 174 1.84 21.20 4.17
N GLN A 175 2.23 20.24 5.01
CA GLN A 175 3.12 20.56 6.13
C GLN A 175 4.45 21.15 5.65
N LEU A 176 5.06 20.50 4.67
CA LEU A 176 6.39 20.88 4.22
C LEU A 176 6.39 22.18 3.43
N THR A 177 5.39 22.38 2.59
CA THR A 177 5.31 23.53 1.70
C THR A 177 4.70 24.76 2.39
N GLY A 178 3.83 24.54 3.37
CA GLY A 178 3.03 25.59 3.96
C GLY A 178 1.71 25.85 3.26
N GLU A 179 1.42 25.13 2.16
CA GLU A 179 0.21 25.35 1.39
C GLU A 179 -0.83 24.30 1.74
N ARG A 180 -1.91 24.74 2.38
CA ARG A 180 -2.97 23.84 2.85
CA ARG A 180 -2.98 23.84 2.84
C ARG A 180 -3.80 23.23 1.72
N LYS A 181 -3.69 23.73 0.50
CA LYS A 181 -4.56 23.28 -0.57
C LYS A 181 -4.49 21.77 -0.77
N TYR A 182 -3.32 21.15 -0.60
CA TYR A 182 -3.18 19.70 -0.83
C TYR A 182 -3.99 18.92 0.18
N PHE A 183 -3.76 19.18 1.46
CA PHE A 183 -4.55 18.58 2.54
C PHE A 183 -6.03 18.76 2.28
N ASP A 184 -6.43 19.98 1.97
CA ASP A 184 -7.86 20.27 1.82
C ASP A 184 -8.48 19.45 0.70
N MET A 185 -7.79 19.37 -0.44
CA MET A 185 -8.31 18.67 -1.59
CA MET A 185 -8.30 18.65 -1.60
C MET A 185 -8.49 17.17 -1.26
N ALA A 186 -7.52 16.58 -0.59
CA ALA A 186 -7.62 15.18 -0.24
C ALA A 186 -8.76 14.96 0.78
N LYS A 187 -8.84 15.80 1.81
CA LYS A 187 -9.85 15.60 2.85
C LYS A 187 -11.25 15.78 2.28
N ARG A 188 -11.44 16.76 1.39
CA ARG A 188 -12.77 17.03 0.82
C ARG A 188 -13.33 15.79 0.12
N ALA A 189 -12.49 15.07 -0.63
CA ALA A 189 -12.93 13.89 -1.34
C ALA A 189 -13.38 12.78 -0.38
N MET A 190 -12.64 12.61 0.72
CA MET A 190 -13.03 11.61 1.70
C MET A 190 -14.33 11.99 2.41
N ARG A 191 -14.46 13.28 2.77
CA ARG A 191 -15.67 13.76 3.42
CA ARG A 191 -15.66 13.75 3.42
C ARG A 191 -16.89 13.51 2.54
N HIS A 192 -16.73 13.60 1.22
CA HIS A 192 -17.85 13.40 0.31
CA HIS A 192 -17.86 13.42 0.32
C HIS A 192 -18.55 12.08 0.55
N THR A 193 -17.77 11.00 0.58
CA THR A 193 -18.38 9.69 0.72
C THR A 193 -18.80 9.44 2.17
N LEU A 194 -18.06 9.96 3.13
CA LEU A 194 -18.44 9.80 4.53
C LEU A 194 -19.78 10.49 4.81
N ASP A 195 -20.01 11.63 4.18
CA ASP A 195 -21.26 12.36 4.35
C ASP A 195 -22.45 11.59 3.78
N ARG A 196 -22.18 10.58 2.94
CA ARG A 196 -23.18 9.79 2.27
C ARG A 196 -23.20 8.34 2.80
N ARG A 197 -22.69 8.14 4.01
CA ARG A 197 -22.87 6.85 4.68
C ARG A 197 -24.35 6.49 4.84
N SER A 198 -24.61 5.20 4.79
CA SER A 198 -25.95 4.69 5.05
C SER A 198 -26.28 4.84 6.53
N LYS A 199 -27.51 4.50 6.88
CA LYS A 199 -27.92 4.52 8.28
C LYS A 199 -27.14 3.54 9.13
N ILE A 200 -26.66 2.45 8.54
CA ILE A 200 -25.83 1.50 9.27
C ILE A 200 -24.33 1.82 9.21
N GLY A 201 -23.98 2.98 8.67
CA GLY A 201 -22.61 3.48 8.81
C GLY A 201 -21.62 3.05 7.75
N LEU A 202 -22.10 2.51 6.64
CA LEU A 202 -21.25 1.98 5.57
C LEU A 202 -21.34 2.85 4.34
N MET A 203 -20.31 2.76 3.51
CA MET A 203 -20.26 3.35 2.18
C MET A 203 -20.13 2.24 1.16
N ALA A 204 -20.81 2.37 0.02
CA ALA A 204 -20.50 1.49 -1.10
C ALA A 204 -19.11 1.83 -1.64
N ALA A 205 -18.45 0.83 -2.21
CA ALA A 205 -17.05 1.00 -2.62
C ALA A 205 -16.87 1.76 -3.90
N ASN A 206 -17.91 1.81 -4.74
CA ASN A 206 -17.84 2.34 -6.10
C ASN A 206 -18.57 3.67 -6.13
N ILE A 207 -17.91 4.69 -6.69
CA ILE A 207 -18.41 6.07 -6.65
C ILE A 207 -18.10 6.76 -7.97
N HIS A 208 -19.02 7.62 -8.43
CA HIS A 208 -18.85 8.37 -9.67
C HIS A 208 -18.35 9.76 -9.36
N ALA A 209 -17.25 10.15 -10.00
CA ALA A 209 -16.63 11.44 -9.72
C ALA A 209 -17.47 12.65 -10.14
N MET A 210 -18.35 12.49 -11.15
CA MET A 210 -19.13 13.63 -11.62
C MET A 210 -20.50 13.70 -10.98
N THR A 211 -21.19 12.58 -10.82
CA THR A 211 -22.49 12.62 -10.18
C THR A 211 -22.35 12.67 -8.66
N GLY A 212 -21.23 12.18 -8.15
CA GLY A 212 -21.01 12.06 -6.72
C GLY A 212 -21.79 10.94 -6.06
N ALA A 213 -22.47 10.11 -6.84
CA ALA A 213 -23.32 9.03 -6.32
C ALA A 213 -22.57 7.72 -6.33
N PHE A 214 -22.96 6.83 -5.42
CA PHE A 214 -22.47 5.47 -5.45
C PHE A 214 -22.96 4.77 -6.72
N THR A 215 -22.12 3.91 -7.27
CA THR A 215 -22.43 3.17 -8.49
C THR A 215 -22.55 1.67 -8.26
N SER A 216 -22.43 1.24 -7.01
CA SER A 216 -22.77 -0.12 -6.61
C SER A 216 -23.39 -0.03 -5.24
N ARG A 217 -23.83 -1.17 -4.72
CA ARG A 217 -24.35 -1.25 -3.37
C ARG A 217 -23.40 -2.02 -2.43
N ASN A 218 -22.19 -2.35 -2.87
CA ASN A 218 -21.32 -3.21 -2.08
C ASN A 218 -20.37 -2.43 -1.19
N ALA A 219 -20.54 -2.56 0.12
CA ALA A 219 -19.53 -2.11 1.08
C ALA A 219 -18.45 -3.18 1.20
N SER A 220 -17.20 -2.73 1.27
CA SER A 220 -16.07 -3.61 1.31
C SER A 220 -14.99 -3.06 2.23
N ILE A 221 -14.17 -3.96 2.81
CA ILE A 221 -12.91 -3.57 3.44
C ILE A 221 -11.72 -3.86 2.53
N ASP A 222 -11.99 -4.43 1.37
CA ASP A 222 -11.03 -5.07 0.56
C ASP A 222 -10.70 -4.22 -0.65
N VAL A 223 -10.31 -4.83 -1.73
CA VAL A 223 -9.89 -4.08 -2.88
CA VAL A 223 -9.88 -4.08 -2.89
C VAL A 223 -11.01 -3.13 -3.32
N TYR A 224 -10.60 -1.96 -3.79
CA TYR A 224 -11.49 -0.83 -4.19
C TYR A 224 -11.91 0.04 -3.02
N ALA A 225 -11.53 -0.36 -1.81
CA ALA A 225 -11.87 0.43 -0.64
C ALA A 225 -10.72 0.56 0.37
N ASP A 226 -10.13 -0.57 0.73
CA ASP A 226 -9.05 -0.73 1.68
C ASP A 226 -8.40 0.54 2.23
N SER A 227 -7.53 1.16 1.46
CA SER A 227 -6.69 2.23 2.00
C SER A 227 -7.44 3.51 2.35
N PHE A 228 -8.68 3.70 1.90
CA PHE A 228 -9.51 4.80 2.42
C PHE A 228 -9.55 4.72 3.94
N TYR A 229 -9.81 3.52 4.46
CA TYR A 229 -10.00 3.37 5.90
C TYR A 229 -8.69 3.59 6.65
N GLU A 230 -7.58 3.13 6.08
CA GLU A 230 -6.27 3.43 6.65
C GLU A 230 -6.03 4.92 6.74
N TYR A 231 -6.34 5.66 5.67
CA TYR A 231 -5.93 7.04 5.60
C TYR A 231 -6.74 7.91 6.55
N LEU A 232 -7.93 7.47 6.97
CA LEU A 232 -8.64 8.14 8.06
C LEU A 232 -7.81 8.10 9.33
N TRP A 233 -7.39 6.91 9.75
CA TRP A 233 -6.57 6.80 10.95
C TRP A 233 -5.25 7.52 10.78
N ASP A 234 -4.61 7.34 9.63
CA ASP A 234 -3.30 7.88 9.42
C ASP A 234 -3.31 9.40 9.47
N ALA A 235 -4.40 10.04 9.05
CA ALA A 235 -4.50 11.50 9.10
C ALA A 235 -4.63 11.99 10.54
N TRP A 236 -5.31 11.24 11.39
CA TRP A 236 -5.26 11.54 12.83
C TRP A 236 -3.83 11.44 13.34
N ALA A 237 -3.17 10.33 13.00
CA ALA A 237 -1.82 10.11 13.52
C ALA A 237 -0.83 11.16 13.05
N LEU A 238 -0.88 11.50 11.77
CA LEU A 238 0.07 12.45 11.17
C LEU A 238 -0.26 13.91 11.43
N PHE A 239 -1.54 14.26 11.38
CA PHE A 239 -1.95 15.66 11.35
C PHE A 239 -2.78 16.08 12.55
N GLY A 240 -3.18 15.12 13.39
CA GLY A 240 -4.05 15.44 14.50
C GLY A 240 -5.45 15.82 14.11
N ASP A 241 -5.90 15.40 12.93
CA ASP A 241 -7.22 15.78 12.44
C ASP A 241 -8.30 15.02 13.20
N GLU A 242 -9.11 15.77 13.95
CA GLU A 242 -10.13 15.18 14.78
C GLU A 242 -11.26 14.55 14.00
N ASP A 243 -11.58 15.10 12.84
CA ASP A 243 -12.63 14.51 12.02
C ASP A 243 -12.19 13.13 11.56
N CYS A 244 -10.95 13.03 11.10
CA CYS A 244 -10.43 11.75 10.62
C CYS A 244 -10.35 10.72 11.74
N LYS A 245 -9.99 11.14 12.94
CA LYS A 245 -9.98 10.22 14.09
C LYS A 245 -11.39 9.64 14.31
N ARG A 246 -12.39 10.52 14.34
CA ARG A 246 -13.76 10.12 14.52
C ARG A 246 -14.21 9.17 13.43
N TRP A 247 -13.97 9.56 12.19
CA TRP A 247 -14.40 8.78 11.04
C TRP A 247 -13.75 7.42 11.01
N ALA A 248 -12.46 7.34 11.38
CA ALA A 248 -11.76 6.06 11.38
C ALA A 248 -12.46 5.07 12.30
N VAL A 249 -12.74 5.51 13.52
CA VAL A 249 -13.39 4.66 14.51
C VAL A 249 -14.82 4.34 14.11
N GLU A 250 -15.57 5.32 13.61
CA GLU A 250 -16.94 5.06 13.17
C GLU A 250 -16.97 4.04 12.05
N CYS A 251 -16.09 4.18 11.07
CA CYS A 251 -16.12 3.25 9.94
C CYS A 251 -15.83 1.83 10.39
N VAL A 252 -14.80 1.67 11.23
CA VAL A 252 -14.43 0.35 11.72
C VAL A 252 -15.56 -0.23 12.59
N ASP A 253 -16.19 0.59 13.43
CA ASP A 253 -17.33 0.11 14.20
C ASP A 253 -18.43 -0.44 13.32
N ALA A 254 -18.72 0.25 12.22
CA ALA A 254 -19.76 -0.19 11.31
C ALA A 254 -19.36 -1.52 10.66
N GLN A 255 -18.10 -1.63 10.27
CA GLN A 255 -17.60 -2.86 9.68
C GLN A 255 -17.63 -4.04 10.66
N LEU A 256 -17.25 -3.81 11.91
CA LEU A 256 -17.34 -4.86 12.91
C LEU A 256 -18.78 -5.27 13.15
N ALA A 257 -19.72 -4.34 13.11
CA ALA A 257 -21.13 -4.65 13.35
C ALA A 257 -21.74 -5.42 12.20
N HIS A 258 -21.39 -5.05 10.97
CA HIS A 258 -22.14 -5.53 9.79
C HIS A 258 -21.37 -6.37 8.82
N GLN A 259 -20.04 -6.30 8.82
CA GLN A 259 -19.23 -7.12 7.91
C GLN A 259 -18.50 -8.27 8.56
N ALA A 260 -18.20 -8.19 9.84
CA ALA A 260 -17.49 -9.29 10.51
C ALA A 260 -18.39 -10.52 10.54
N LYS A 261 -17.91 -11.61 9.99
CA LYS A 261 -18.65 -12.87 9.96
C LYS A 261 -17.66 -14.00 10.22
N ARG A 262 -18.10 -15.04 10.90
CA ARG A 262 -17.25 -16.20 11.09
C ARG A 262 -17.70 -17.34 10.20
N TYR A 263 -16.75 -17.97 9.52
CA TYR A 263 -16.99 -19.14 8.70
C TYR A 263 -16.00 -20.20 9.17
N ASP A 264 -16.50 -21.38 9.53
CA ASP A 264 -15.65 -22.46 9.99
C ASP A 264 -14.70 -22.02 11.11
N GLY A 265 -15.20 -21.16 12.00
CA GLY A 265 -14.45 -20.73 13.15
C GLY A 265 -13.51 -19.57 12.95
N ARG A 266 -13.40 -19.06 11.71
CA ARG A 266 -12.44 -18.02 11.36
CA ARG A 266 -12.44 -18.01 11.36
C ARG A 266 -13.16 -16.73 10.98
N LEU A 267 -12.59 -15.61 11.40
CA LEU A 267 -13.14 -14.29 11.12
C LEU A 267 -12.80 -13.86 9.69
N TRP A 268 -13.83 -13.42 8.98
CA TRP A 268 -13.69 -12.79 7.66
C TRP A 268 -14.56 -11.56 7.59
N PHE A 269 -14.34 -10.75 6.56
CA PHE A 269 -15.09 -9.52 6.32
C PHE A 269 -15.55 -9.51 4.87
N PRO A 270 -16.53 -10.34 4.53
CA PRO A 270 -17.07 -10.32 3.16
C PRO A 270 -17.77 -8.99 2.85
N MET A 271 -17.96 -8.74 1.57
CA MET A 271 -18.75 -7.60 1.11
CA MET A 271 -18.72 -7.56 1.21
C MET A 271 -20.19 -7.77 1.51
N VAL A 272 -20.83 -6.65 1.83
CA VAL A 272 -22.25 -6.63 2.19
C VAL A 272 -22.95 -5.47 1.50
N ASP A 273 -24.27 -5.56 1.43
CA ASP A 273 -25.06 -4.44 0.95
C ASP A 273 -24.90 -3.28 1.93
N PHE A 274 -24.51 -2.12 1.42
CA PHE A 274 -24.14 -1.03 2.31
C PHE A 274 -25.28 -0.47 3.14
N GLU A 275 -26.54 -0.74 2.73
CA GLU A 275 -27.71 -0.31 3.50
C GLU A 275 -28.34 -1.42 4.33
N THR A 276 -28.41 -2.63 3.78
CA THR A 276 -29.15 -3.70 4.46
C THR A 276 -28.24 -4.62 5.27
N GLY A 277 -26.95 -4.68 4.94
CA GLY A 277 -26.03 -5.60 5.60
C GLY A 277 -26.09 -7.04 5.08
N ALA A 278 -26.91 -7.33 4.08
CA ALA A 278 -26.92 -8.68 3.51
C ALA A 278 -25.56 -8.98 2.87
N VAL A 279 -25.02 -10.17 3.09
CA VAL A 279 -23.77 -10.56 2.43
C VAL A 279 -23.98 -10.61 0.91
N THR A 280 -23.11 -9.95 0.17
CA THR A 280 -23.23 -9.87 -1.28
C THR A 280 -22.09 -10.54 -2.04
N GLY A 281 -21.06 -11.00 -1.33
CA GLY A 281 -19.99 -11.75 -1.97
C GLY A 281 -19.36 -12.71 -1.00
N THR A 282 -18.65 -13.70 -1.53
CA THR A 282 -17.98 -14.69 -0.69
C THR A 282 -16.46 -14.65 -0.86
N ALA A 283 -15.94 -13.71 -1.63
CA ALA A 283 -14.50 -13.65 -1.83
C ALA A 283 -13.83 -12.76 -0.76
N GLN A 284 -12.62 -13.12 -0.36
CA GLN A 284 -11.73 -12.22 0.33
C GLN A 284 -10.38 -12.26 -0.36
N SER A 285 -9.82 -11.10 -0.68
CA SER A 285 -8.49 -11.07 -1.26
C SER A 285 -7.41 -11.08 -0.19
N GLU A 286 -6.23 -11.54 -0.59
CA GLU A 286 -5.06 -11.46 0.28
C GLU A 286 -4.82 -10.03 0.74
N LEU A 287 -5.19 -9.07 -0.11
CA LEU A 287 -4.89 -7.68 0.19
C LEU A 287 -5.65 -7.18 1.41
N ALA A 288 -6.71 -7.86 1.81
CA ALA A 288 -7.46 -7.50 3.01
C ALA A 288 -6.66 -7.66 4.28
N ALA A 289 -5.53 -8.37 4.25
CA ALA A 289 -4.77 -8.59 5.47
C ALA A 289 -4.30 -7.29 6.12
N TYR A 290 -4.18 -6.19 5.35
CA TYR A 290 -3.82 -4.91 5.96
C TYR A 290 -4.75 -4.58 7.13
N TYR A 291 -6.00 -5.01 7.03
CA TYR A 291 -7.04 -4.59 7.97
C TYR A 291 -6.77 -5.14 9.37
N ALA A 292 -6.08 -6.26 9.47
CA ALA A 292 -5.73 -6.78 10.80
C ALA A 292 -4.89 -5.73 11.56
N GLY A 293 -3.93 -5.10 10.86
CA GLY A 293 -3.14 -4.05 11.47
C GLY A 293 -3.95 -2.79 11.77
N LEU A 294 -4.83 -2.37 10.84
CA LEU A 294 -5.66 -1.19 11.07
C LEU A 294 -6.54 -1.40 12.30
N LEU A 295 -7.12 -2.58 12.45
CA LEU A 295 -7.95 -2.89 13.62
C LEU A 295 -7.16 -2.62 14.89
N GLY A 296 -5.91 -3.09 14.95
CA GLY A 296 -5.11 -2.76 16.13
C GLY A 296 -4.87 -1.28 16.31
N GLN A 297 -4.55 -0.58 15.23
CA GLN A 297 -4.27 0.85 15.31
C GLN A 297 -5.42 1.66 15.89
N VAL A 298 -6.65 1.32 15.52
CA VAL A 298 -7.80 2.10 15.95
C VAL A 298 -8.34 1.68 17.31
N GLY A 299 -7.67 0.75 17.99
CA GLY A 299 -8.10 0.33 19.31
C GLY A 299 -8.98 -0.90 19.36
N ARG A 300 -8.82 -1.77 18.36
CA ARG A 300 -9.55 -3.04 18.29
CA ARG A 300 -9.55 -3.04 18.29
C ARG A 300 -8.54 -4.17 18.06
N LYS A 301 -7.51 -4.22 18.91
CA LYS A 301 -6.43 -5.18 18.73
C LYS A 301 -6.86 -6.63 18.83
N ALA A 302 -7.78 -6.99 19.73
CA ALA A 302 -8.20 -8.39 19.81
C ALA A 302 -8.82 -8.82 18.48
N GLN A 303 -9.64 -7.96 17.87
CA GLN A 303 -10.23 -8.29 16.59
CA GLN A 303 -10.24 -8.25 16.56
C GLN A 303 -9.15 -8.33 15.50
N GLY A 304 -8.18 -7.42 15.57
CA GLY A 304 -7.06 -7.46 14.63
C GLY A 304 -6.26 -8.75 14.70
N ASP A 305 -5.97 -9.23 15.91
CA ASP A 305 -5.28 -10.52 16.05
C ASP A 305 -6.14 -11.66 15.54
N ASP A 306 -7.44 -11.62 15.79
CA ASP A 306 -8.34 -12.68 15.29
C ASP A 306 -8.31 -12.69 13.77
N TYR A 307 -8.35 -11.52 13.14
CA TYR A 307 -8.31 -11.47 11.69
C TYR A 307 -6.95 -11.92 11.15
N LEU A 308 -5.87 -11.49 11.79
CA LEU A 308 -4.55 -11.97 11.38
C LEU A 308 -4.52 -13.49 11.37
N ALA A 309 -5.13 -14.11 12.40
CA ALA A 309 -5.13 -15.55 12.51
C ALA A 309 -5.77 -16.23 11.30
N SER A 310 -6.75 -15.60 10.66
CA SER A 310 -7.33 -16.16 9.45
C SER A 310 -6.28 -16.27 8.34
N PHE A 311 -5.45 -15.23 8.19
CA PHE A 311 -4.37 -15.26 7.22
C PHE A 311 -3.23 -16.17 7.63
N THR A 312 -2.94 -16.28 8.93
CA THR A 312 -1.94 -17.22 9.41
C THR A 312 -2.32 -18.64 9.04
N TYR A 313 -3.61 -18.95 9.15
CA TYR A 313 -4.12 -20.23 8.71
CA TYR A 313 -4.20 -20.23 8.68
C TYR A 313 -3.91 -20.44 7.21
N LEU A 314 -4.17 -19.43 6.40
CA LEU A 314 -3.92 -19.56 4.97
C LEU A 314 -2.44 -19.80 4.68
N GLN A 315 -1.55 -19.09 5.37
CA GLN A 315 -0.13 -19.27 5.18
C GLN A 315 0.31 -20.68 5.59
N ALA A 316 -0.18 -21.17 6.73
CA ALA A 316 0.19 -22.52 7.18
C ALA A 316 -0.33 -23.58 6.21
N THR A 317 -1.50 -23.37 5.65
CA THR A 317 -2.13 -24.37 4.78
C THR A 317 -1.54 -24.36 3.37
N PHE A 318 -1.39 -23.17 2.79
CA PHE A 318 -1.04 -23.01 1.38
C PHE A 318 0.39 -22.56 1.14
N GLY A 319 1.14 -22.19 2.19
CA GLY A 319 2.51 -21.75 2.04
C GLY A 319 2.57 -20.26 1.72
N VAL A 320 2.09 -19.93 0.53
CA VAL A 320 1.84 -18.55 0.12
C VAL A 320 0.33 -18.33 0.25
N ILE A 321 -0.05 -17.18 0.80
CA ILE A 321 -1.46 -16.86 0.96
C ILE A 321 -2.09 -16.72 -0.42
N PRO A 322 -3.20 -17.43 -0.69
CA PRO A 322 -3.82 -17.28 -2.01
C PRO A 322 -4.26 -15.85 -2.26
N GLU A 323 -4.18 -15.45 -3.52
CA GLU A 323 -4.50 -14.09 -3.91
C GLU A 323 -5.97 -13.76 -3.59
N SER A 324 -6.83 -14.76 -3.69
CA SER A 324 -8.23 -14.64 -3.31
C SER A 324 -8.70 -16.00 -2.81
N ILE A 325 -9.55 -15.97 -1.79
CA ILE A 325 -10.18 -17.17 -1.26
C ILE A 325 -11.68 -17.01 -1.20
N ASP A 326 -12.36 -18.15 -1.19
CA ASP A 326 -13.80 -18.21 -0.90
C ASP A 326 -13.94 -18.41 0.59
N VAL A 327 -14.55 -17.46 1.29
CA VAL A 327 -14.62 -17.49 2.74
C VAL A 327 -15.49 -18.63 3.23
N THR A 328 -16.40 -19.14 2.39
CA THR A 328 -17.28 -20.22 2.81
C THR A 328 -16.57 -21.56 2.84
N THR A 329 -15.47 -21.69 2.09
CA THR A 329 -14.69 -22.93 2.11
C THR A 329 -13.24 -22.75 2.60
N GLY A 330 -12.72 -21.53 2.59
CA GLY A 330 -11.33 -21.30 2.94
C GLY A 330 -10.35 -21.77 1.88
N GLN A 331 -10.83 -21.97 0.65
CA GLN A 331 -9.97 -22.43 -0.45
CA GLN A 331 -10.02 -22.44 -0.50
C GLN A 331 -9.73 -21.37 -1.55
N PRO A 332 -8.66 -21.55 -2.37
CA PRO A 332 -8.29 -20.53 -3.35
C PRO A 332 -9.29 -20.33 -4.49
N ARG A 333 -9.48 -19.09 -4.89
CA ARG A 333 -10.24 -18.72 -6.07
C ARG A 333 -9.34 -18.42 -7.26
N ARG A 334 -8.07 -18.18 -6.99
CA ARG A 334 -7.07 -17.93 -8.00
C ARG A 334 -5.80 -18.66 -7.60
N LYS A 335 -4.99 -19.07 -8.59
CA LYS A 335 -3.75 -19.77 -8.31
C LYS A 335 -2.49 -18.92 -8.44
N HIS A 336 -2.59 -17.78 -9.14
CA HIS A 336 -1.44 -16.89 -9.31
CA HIS A 336 -1.44 -16.89 -9.31
C HIS A 336 -1.37 -15.95 -8.13
N THR A 337 -0.23 -15.27 -7.98
CA THR A 337 -0.09 -14.25 -6.94
C THR A 337 0.54 -12.98 -7.52
N GLY A 338 0.45 -11.94 -6.69
CA GLY A 338 1.13 -10.71 -6.96
C GLY A 338 2.32 -10.43 -6.05
N LEU A 339 2.97 -11.45 -5.49
CA LEU A 339 4.12 -11.22 -4.58
C LEU A 339 3.74 -10.15 -3.53
N ARG A 340 2.67 -10.47 -2.79
CA ARG A 340 1.95 -9.46 -2.04
C ARG A 340 2.49 -9.26 -0.63
N PRO A 341 2.44 -8.00 -0.13
CA PRO A 341 3.06 -7.64 1.15
C PRO A 341 2.14 -7.51 2.36
N GLU A 342 0.83 -7.76 2.23
CA GLU A 342 -0.09 -7.32 3.29
C GLU A 342 0.04 -8.12 4.59
N TYR A 343 0.51 -9.37 4.54
CA TYR A 343 0.66 -10.12 5.79
C TYR A 343 1.77 -9.51 6.67
N PRO A 344 2.99 -9.28 6.16
CA PRO A 344 3.98 -8.61 7.02
C PRO A 344 3.62 -7.16 7.33
N ASP A 345 2.81 -6.50 6.49
CA ASP A 345 2.23 -5.18 6.81
C ASP A 345 1.49 -5.28 8.14
N ALA A 346 0.55 -6.21 8.22
CA ALA A 346 -0.21 -6.41 9.45
C ALA A 346 0.67 -6.79 10.61
N CYS A 347 1.62 -7.70 10.39
CA CYS A 347 2.52 -8.12 11.46
C CYS A 347 3.28 -6.93 12.05
N LEU A 348 3.85 -6.08 11.18
CA LEU A 348 4.57 -4.90 11.67
C LEU A 348 3.64 -3.97 12.44
N ASN A 349 2.48 -3.69 11.87
CA ASN A 349 1.58 -2.74 12.50
C ASN A 349 1.11 -3.21 13.88
N LEU A 350 0.83 -4.51 14.02
CA LEU A 350 0.44 -5.04 15.33
C LEU A 350 1.63 -5.09 16.29
N TRP A 351 2.80 -5.46 15.78
CA TRP A 351 4.01 -5.48 16.61
C TRP A 351 4.37 -4.13 17.15
N LEU A 352 4.11 -3.06 16.39
CA LEU A 352 4.42 -1.74 16.91
C LEU A 352 3.60 -1.39 18.15
N ILE A 353 2.48 -2.06 18.38
CA ILE A 353 1.65 -1.81 19.57
C ILE A 353 2.26 -2.39 20.82
N ASP A 354 2.64 -3.68 20.80
CA ASP A 354 3.06 -4.41 22.02
C ASP A 354 4.44 -5.10 21.96
N ARG A 355 5.07 -5.08 20.81
CA ARG A 355 6.34 -5.76 20.58
C ARG A 355 6.31 -7.27 20.89
N ASP A 356 5.20 -7.93 20.62
CA ASP A 356 5.11 -9.37 20.86
C ASP A 356 5.97 -10.12 19.85
N PRO A 357 6.94 -10.95 20.31
CA PRO A 357 7.79 -11.65 19.34
C PRO A 357 7.03 -12.62 18.43
N ARG A 358 5.80 -12.98 18.80
CA ARG A 358 4.95 -13.77 17.92
C ARG A 358 4.88 -13.18 16.50
N TYR A 359 4.76 -11.85 16.41
CA TYR A 359 4.65 -11.23 15.09
C TYR A 359 5.94 -11.40 14.28
N ARG A 360 7.09 -11.34 14.96
CA ARG A 360 8.36 -11.63 14.32
C ARG A 360 8.44 -13.06 13.78
N ARG A 361 7.98 -14.01 14.59
CA ARG A 361 7.98 -15.41 14.16
CA ARG A 361 7.94 -15.41 14.21
C ARG A 361 7.11 -15.61 12.93
N LEU A 362 5.94 -14.98 12.91
CA LEU A 362 5.04 -15.11 11.77
C LEU A 362 5.60 -14.45 10.53
N ALA A 363 6.21 -13.29 10.68
CA ALA A 363 6.81 -12.60 9.54
C ALA A 363 8.04 -13.36 9.02
N ALA A 364 8.76 -14.03 9.90
CA ALA A 364 9.92 -14.83 9.48
C ALA A 364 9.48 -16.00 8.61
N ILE A 365 8.36 -16.63 8.94
CA ILE A 365 7.80 -17.66 8.09
C ILE A 365 7.55 -17.09 6.69
N HIS A 366 6.94 -15.91 6.66
CA HIS A 366 6.57 -15.26 5.40
C HIS A 366 7.78 -14.91 4.56
N TYR A 367 8.81 -14.34 5.18
CA TYR A 367 10.06 -14.03 4.49
C TYR A 367 10.71 -15.30 3.93
N ARG A 368 10.82 -16.32 4.76
CA ARG A 368 11.47 -17.55 4.32
C ARG A 368 10.67 -18.19 3.18
N GLU A 369 9.34 -18.09 3.22
CA GLU A 369 8.53 -18.63 2.15
C GLU A 369 8.74 -17.84 0.85
N MET A 370 8.88 -16.52 0.98
CA MET A 370 9.19 -15.69 -0.19
C MET A 370 10.49 -16.17 -0.84
N LYS A 371 11.53 -16.39 -0.03
CA LYS A 371 12.81 -16.90 -0.53
CA LYS A 371 12.79 -16.88 -0.56
C LYS A 371 12.66 -18.26 -1.21
N ALA A 372 11.84 -19.12 -0.64
CA ALA A 372 11.65 -20.49 -1.14
C ALA A 372 10.82 -20.57 -2.42
N THR A 373 10.05 -19.54 -2.75
CA THR A 373 9.08 -19.63 -3.85
C THR A 373 9.33 -18.60 -4.96
N SER A 374 9.73 -17.39 -4.60
CA SER A 374 9.79 -16.26 -5.53
C SER A 374 11.17 -15.89 -6.02
N ARG A 375 12.23 -16.52 -5.51
CA ARG A 375 13.56 -16.14 -5.94
C ARG A 375 13.78 -16.58 -7.39
N ALA A 376 14.35 -15.67 -8.17
CA ALA A 376 14.62 -15.87 -9.58
C ALA A 376 16.05 -15.41 -9.89
N ALA A 377 16.43 -15.49 -11.15
CA ALA A 377 17.81 -15.23 -11.53
C ALA A 377 18.28 -13.82 -11.16
N PHE A 378 17.40 -12.83 -11.32
CA PHE A 378 17.78 -11.43 -11.16
C PHE A 378 16.90 -10.68 -10.18
N GLY A 379 16.26 -11.40 -9.24
CA GLY A 379 15.41 -10.78 -8.26
C GLY A 379 14.30 -11.70 -7.82
N TYR A 380 13.19 -11.10 -7.40
CA TYR A 380 12.05 -11.80 -6.83
C TYR A 380 10.81 -11.58 -7.69
N THR A 381 10.05 -12.65 -7.93
CA THR A 381 8.95 -12.62 -8.86
C THR A 381 7.61 -13.09 -8.28
N ALA A 382 6.56 -12.54 -8.84
CA ALA A 382 5.20 -13.02 -8.65
C ALA A 382 5.03 -14.45 -9.17
N LEU A 383 4.03 -15.15 -8.66
CA LEU A 383 3.84 -16.58 -8.95
C LEU A 383 2.69 -16.83 -9.90
N LYS A 384 2.86 -17.89 -10.68
CA LYS A 384 1.89 -18.39 -11.62
C LYS A 384 0.89 -19.37 -10.98
N ASP A 385 1.38 -20.25 -10.12
CA ASP A 385 0.52 -21.30 -9.59
C ASP A 385 1.07 -21.77 -8.25
N ILE A 386 0.35 -21.42 -7.18
CA ILE A 386 0.72 -21.81 -5.82
C ILE A 386 0.35 -23.25 -5.51
N THR A 387 -0.35 -23.93 -6.43
CA THR A 387 -0.83 -25.28 -6.14
C THR A 387 0.10 -26.38 -6.67
N THR A 388 1.04 -26.03 -7.54
CA THR A 388 2.04 -27.00 -8.02
C THR A 388 3.20 -27.03 -7.03
N ARG A 389 3.99 -28.08 -7.09
CA ARG A 389 5.22 -28.17 -6.31
C ARG A 389 6.34 -28.60 -7.26
N PRO A 390 7.35 -27.73 -7.47
CA PRO A 390 7.43 -26.37 -6.96
C PRO A 390 6.34 -25.49 -7.51
N MET A 391 6.05 -24.41 -6.79
CA MET A 391 5.14 -23.42 -7.28
C MET A 391 5.73 -22.81 -8.55
N THR A 392 4.94 -22.67 -9.59
CA THR A 392 5.46 -22.11 -10.83
CA THR A 392 5.45 -22.11 -10.84
C THR A 392 5.43 -20.58 -10.75
N GLN A 393 6.36 -19.97 -11.45
CA GLN A 393 6.59 -18.53 -11.40
C GLN A 393 6.09 -17.83 -12.64
N ASP A 394 5.57 -16.61 -12.45
CA ASP A 394 5.43 -15.66 -13.53
C ASP A 394 6.74 -14.87 -13.62
N ASP A 395 6.78 -13.72 -14.26
CA ASP A 395 8.04 -13.00 -14.48
C ASP A 395 7.81 -11.51 -14.28
N ASN A 396 7.73 -11.08 -13.03
CA ASN A 396 7.53 -9.68 -12.70
C ASN A 396 7.82 -9.46 -11.24
N CYS A 397 8.63 -8.42 -10.94
CA CYS A 397 8.79 -7.92 -9.58
C CYS A 397 7.95 -6.65 -9.49
N PRO A 398 6.82 -6.69 -8.79
CA PRO A 398 6.00 -5.48 -8.71
CA PRO A 398 6.01 -5.47 -8.73
C PRO A 398 6.73 -4.34 -8.00
N GLY A 399 6.47 -3.11 -8.42
CA GLY A 399 7.12 -1.96 -7.80
C GLY A 399 6.96 -1.92 -6.29
N TYR A 400 5.80 -2.34 -5.78
CA TYR A 400 5.55 -2.26 -4.35
C TYR A 400 6.46 -3.17 -3.55
N TRP A 401 7.03 -4.22 -4.14
CA TRP A 401 7.95 -5.09 -3.40
C TRP A 401 9.12 -4.29 -2.85
N TRP A 402 9.57 -3.27 -3.61
CA TRP A 402 10.73 -2.48 -3.28
C TRP A 402 10.47 -1.56 -2.10
N SER A 403 9.23 -1.14 -1.90
CA SER A 403 8.87 -0.29 -0.77
C SER A 403 8.34 -1.06 0.43
N GLU A 404 7.63 -2.16 0.20
CA GLU A 404 6.83 -2.79 1.25
C GLU A 404 7.50 -3.96 1.95
N GLN A 405 7.43 -5.19 1.45
CA GLN A 405 7.69 -6.31 2.39
C GLN A 405 9.12 -6.37 2.85
N MET A 406 10.10 -6.03 2.03
CA MET A 406 11.49 -6.07 2.53
C MET A 406 11.69 -5.02 3.62
N LYS A 407 11.07 -3.86 3.48
CA LYS A 407 11.06 -2.87 4.55
C LYS A 407 10.35 -3.42 5.79
N TYR A 408 9.18 -4.04 5.64
CA TYR A 408 8.47 -4.57 6.81
C TYR A 408 9.33 -5.59 7.54
N TYR A 409 9.91 -6.55 6.81
CA TYR A 409 10.77 -7.54 7.45
C TYR A 409 11.92 -6.83 8.17
N TYR A 410 12.58 -5.92 7.48
CA TYR A 410 13.74 -5.26 8.07
C TYR A 410 13.35 -4.45 9.31
N LEU A 411 12.24 -3.74 9.27
CA LEU A 411 11.79 -3.01 10.46
C LEU A 411 11.46 -3.95 11.62
N LEU A 412 10.85 -5.09 11.32
CA LEU A 412 10.52 -6.07 12.35
C LEU A 412 11.75 -6.70 12.98
N PHE A 413 12.84 -6.88 12.23
CA PHE A 413 13.96 -7.67 12.71
C PHE A 413 15.17 -6.85 13.16
N SER A 414 15.36 -5.66 12.58
CA SER A 414 16.61 -4.93 12.73
C SER A 414 16.77 -4.07 13.96
N ASP A 415 15.66 -3.58 14.51
CA ASP A 415 15.70 -2.52 15.52
C ASP A 415 16.68 -1.40 15.12
N THR A 416 16.58 -0.99 13.87
CA THR A 416 17.56 -0.06 13.35
C THR A 416 17.53 1.29 14.07
N PRO A 417 18.72 1.87 14.33
CA PRO A 417 18.77 3.20 14.94
C PRO A 417 18.38 4.31 13.96
N ARG A 418 18.22 3.99 12.67
CA ARG A 418 17.80 4.98 11.69
C ARG A 418 16.32 5.33 11.74
N ILE A 419 15.54 4.60 12.56
CA ILE A 419 14.12 4.89 12.70
C ILE A 419 13.79 5.08 14.18
N ASP A 420 13.01 6.12 14.46
CA ASP A 420 12.39 6.33 15.77
C ASP A 420 11.08 5.55 15.71
N TYR A 421 11.10 4.35 16.26
CA TYR A 421 9.96 3.46 16.15
C TYR A 421 8.70 4.03 16.81
N GLY A 422 8.85 4.88 17.82
CA GLY A 422 7.71 5.52 18.44
C GLY A 422 7.02 6.55 17.58
N GLN A 423 7.76 7.13 16.63
CA GLN A 423 7.23 8.16 15.73
C GLN A 423 6.95 7.64 14.32
N LEU A 424 7.32 6.40 14.04
CA LEU A 424 7.19 5.82 12.70
C LEU A 424 5.77 5.88 12.21
N GLN A 425 5.62 6.38 10.98
CA GLN A 425 4.36 6.40 10.24
C GLN A 425 4.64 5.91 8.83
N LEU A 426 3.82 4.98 8.35
CA LEU A 426 3.95 4.37 7.03
C LEU A 426 2.71 4.65 6.20
N SER A 427 2.91 5.02 4.93
CA SER A 427 1.80 5.16 4.00
C SER A 427 1.28 3.75 3.61
N THR A 428 0.24 3.70 2.79
CA THR A 428 -0.28 2.40 2.37
C THR A 428 0.69 1.65 1.44
N GLU A 429 1.69 2.37 0.92
CA GLU A 429 2.76 1.83 0.08
C GLU A 429 4.04 1.67 0.91
N ALA A 430 3.92 1.77 2.23
CA ALA A 430 5.02 1.68 3.19
C ALA A 430 6.03 2.80 3.05
N ASN A 431 5.68 3.92 2.42
CA ASN A 431 6.58 5.06 2.46
C ASN A 431 6.60 5.65 3.84
N VAL A 432 7.80 5.84 4.37
CA VAL A 432 7.94 6.41 5.70
C VAL A 432 7.71 7.91 5.61
N LEU A 433 6.68 8.38 6.32
CA LEU A 433 6.27 9.76 6.31
C LEU A 433 6.56 10.47 7.63
N ARG A 434 7.07 9.71 8.61
CA ARG A 434 7.54 10.27 9.87
C ARG A 434 8.40 9.19 10.53
N GLY A 435 9.42 9.62 11.27
CA GLY A 435 10.22 8.71 12.08
C GLY A 435 11.66 8.49 11.65
N PHE A 436 12.16 9.17 10.62
CA PHE A 436 13.57 9.04 10.31
C PHE A 436 14.40 9.71 11.41
N ARG A 437 15.47 9.04 11.81
CA ARG A 437 16.45 9.61 12.72
CA ARG A 437 16.44 9.61 12.74
C ARG A 437 17.71 9.86 11.96
N LYS A 438 18.05 11.14 11.81
CA LYS A 438 19.27 11.56 11.14
C LYS A 438 20.50 10.85 11.71
N VAL A 439 21.43 10.51 10.82
CA VAL A 439 22.63 9.76 11.18
C VAL A 439 23.78 10.73 11.42
#